data_6EZV
#
_entry.id   6EZV
#
_cell.length_a   64.575
_cell.length_b   36.527
_cell.length_c   73.551
_cell.angle_alpha   90.00
_cell.angle_beta   91.25
_cell.angle_gamma   90.00
#
_symmetry.space_group_name_H-M   'P 1 21 1'
#
loop_
_entity.id
_entity.type
_entity.pdbx_description
1 polymer 'Non-hemolytic enterotoxin lytic component L1'
2 non-polymer GLYCEROL
3 non-polymer 'ACETATE ION'
4 non-polymer 'CACODYLATE ION'
5 water water
#
_entity_poly.entity_id   1
_entity_poly.type   'polypeptide(L)'
_entity_poly.pdbx_seq_one_letter_code
;MKHHHHHHPMSDYDIPTTENLYFQGAMGSQQVTQLNPTQQTTQSAFLATTVITAQCHAILNTQFTPPTVKPDWFDDLSKK
LDSAKLVAKQWIDDLGPQVSASIPSSVINFDATFQASIDAIHELYKADPTASGKDNTTVQQASQIMTALSSQVSGIEATV
KGMNKELSDWGVKMQAAHDDLVNGATNIQKTIIDLQTDIESMNNAIDNNRAAIEKLNKDLVYAQVAVGVGIFMLVAGVAL
TVATAGTAAAVSGGIAAVGAASIIAGGVTWGVLQNQIDDDYDSIAQEQKQKAEDQQQIIALQGLSNASSAVVSAIETSTS
VLSDFETTWTVFGNELDDVVTKLNNGASMQSIIMEKVMSDAAKNEWDDAVELAKQLASAKIAIETKELAPAVKQAA
;
_entity_poly.pdbx_strand_id   X
#
loop_
_chem_comp.id
_chem_comp.type
_chem_comp.name
_chem_comp.formula
ACT non-polymer 'ACETATE ION' 'C2 H3 O2 -1'
CAC non-polymer 'CACODYLATE ION' 'C2 H6 As O2 -1'
GOL non-polymer GLYCEROL 'C3 H8 O3'
#
# COMPACT_ATOMS: atom_id res chain seq x y z
N THR A 33 -9.27 20.66 -5.92
CA THR A 33 -7.85 21.04 -5.84
C THR A 33 -6.93 19.85 -5.53
N GLN A 34 -5.69 19.96 -6.00
CA GLN A 34 -4.77 18.85 -6.13
C GLN A 34 -3.76 18.83 -4.99
N LEU A 35 -3.21 17.64 -4.72
CA LEU A 35 -2.20 17.51 -3.69
C LEU A 35 -0.88 18.13 -4.11
N ASN A 36 -0.24 18.84 -3.18
CA ASN A 36 1.11 19.35 -3.42
C ASN A 36 2.08 18.18 -3.31
N PRO A 37 3.33 18.37 -3.74
CA PRO A 37 4.28 17.24 -3.83
C PRO A 37 4.43 16.41 -2.55
N THR A 38 4.52 17.04 -1.37
CA THR A 38 4.72 16.29 -0.15
C THR A 38 3.46 15.55 0.25
N GLN A 39 2.33 16.21 0.05
CA GLN A 39 1.03 15.58 0.28
C GLN A 39 0.86 14.35 -0.58
N GLN A 40 1.27 14.45 -1.84
CA GLN A 40 1.03 13.38 -2.81
C GLN A 40 1.77 12.12 -2.43
N THR A 41 3.06 12.26 -2.07
CA THR A 41 3.84 11.08 -1.71
C THR A 41 3.43 10.56 -0.33
N THR A 42 3.06 11.46 0.60
CA THR A 42 2.54 10.99 1.87
C THR A 42 1.31 10.12 1.64
N GLN A 43 0.33 10.66 0.94
CA GLN A 43 -0.94 9.97 0.81
C GLN A 43 -0.78 8.71 -0.02
N SER A 44 -0.07 8.79 -1.13
CA SER A 44 0.09 7.61 -1.97
C SER A 44 0.79 6.47 -1.21
N ALA A 45 1.90 6.78 -0.51
CA ALA A 45 2.58 5.76 0.28
C ALA A 45 1.65 5.15 1.32
N PHE A 46 0.88 5.98 2.01
CA PHE A 46 0.01 5.44 3.03
C PHE A 46 -1.11 4.59 2.43
N LEU A 47 -1.72 5.07 1.35
CA LEU A 47 -2.80 4.26 0.76
C LEU A 47 -2.27 2.94 0.21
N ALA A 48 -1.06 2.92 -0.32
CA ALA A 48 -0.52 1.69 -0.86
C ALA A 48 -0.29 0.67 0.25
N THR A 49 0.17 1.10 1.44
CA THR A 49 0.33 0.14 2.51
C THR A 49 -1.03 -0.29 3.02
N THR A 50 -2.03 0.57 2.88
CA THR A 50 -3.39 0.20 3.24
C THR A 50 -3.94 -0.87 2.28
N VAL A 51 -3.57 -0.84 0.99
CA VAL A 51 -3.97 -1.91 0.07
C VAL A 51 -3.34 -3.23 0.49
N ILE A 52 -2.06 -3.23 0.87
CA ILE A 52 -1.45 -4.45 1.39
C ILE A 52 -2.30 -5.04 2.51
N THR A 53 -2.63 -4.22 3.52
CA THR A 53 -3.52 -4.67 4.58
C THR A 53 -4.83 -5.23 4.03
N ALA A 54 -5.44 -4.54 3.07
CA ALA A 54 -6.72 -5.02 2.57
C ALA A 54 -6.57 -6.41 1.97
N GLN A 55 -5.51 -6.63 1.17
CA GLN A 55 -5.31 -7.90 0.49
C GLN A 55 -4.84 -8.99 1.44
N CYS A 56 -4.18 -8.63 2.54
CA CYS A 56 -3.89 -9.62 3.58
C CYS A 56 -5.20 -10.13 4.20
N HIS A 57 -6.14 -9.23 4.46
CA HIS A 57 -7.46 -9.67 4.87
C HIS A 57 -8.14 -10.54 3.80
N ALA A 58 -7.91 -10.24 2.53
CA ALA A 58 -8.47 -11.09 1.47
C ALA A 58 -7.88 -12.50 1.51
N ILE A 59 -6.58 -12.62 1.81
CA ILE A 59 -5.97 -13.93 1.97
C ILE A 59 -6.68 -14.69 3.09
N LEU A 60 -6.90 -14.02 4.21
CA LEU A 60 -7.58 -14.64 5.34
C LEU A 60 -9.02 -15.00 5.01
N ASN A 61 -9.62 -14.33 4.03
CA ASN A 61 -10.97 -14.68 3.62
C ASN A 61 -10.99 -15.66 2.45
N THR A 62 -9.84 -16.22 2.08
CA THR A 62 -9.76 -17.31 1.12
C THR A 62 -9.96 -18.62 1.85
N GLN A 63 -10.76 -19.52 1.28
CA GLN A 63 -10.98 -20.80 1.96
C GLN A 63 -11.38 -21.88 0.97
N PHE A 64 -11.19 -23.12 1.41
CA PHE A 64 -11.78 -24.20 0.65
C PHE A 64 -11.93 -25.40 1.56
N THR A 65 -12.97 -26.16 1.26
CA THR A 65 -13.43 -27.23 2.07
C THR A 65 -13.27 -28.54 1.31
N PRO A 66 -12.79 -29.61 1.96
CA PRO A 66 -12.59 -30.85 1.23
C PRO A 66 -13.90 -31.37 0.70
N PRO A 67 -13.87 -32.16 -0.39
CA PRO A 67 -15.10 -32.85 -0.83
C PRO A 67 -15.45 -33.94 0.16
N THR A 68 -16.61 -34.56 -0.07
CA THR A 68 -17.00 -35.65 0.82
C THR A 68 -15.90 -36.72 0.85
N VAL A 69 -15.29 -36.98 -0.29
CA VAL A 69 -14.14 -37.87 -0.39
C VAL A 69 -12.89 -37.00 -0.58
N LYS A 70 -12.17 -36.76 0.52
CA LYS A 70 -11.01 -35.87 0.49
C LYS A 70 -9.89 -36.49 -0.34
N PRO A 71 -9.39 -35.81 -1.37
CA PRO A 71 -8.41 -36.45 -2.27
C PRO A 71 -6.99 -36.33 -1.73
N ASP A 72 -6.07 -37.02 -2.43
CA ASP A 72 -4.67 -37.18 -1.98
C ASP A 72 -4.03 -35.83 -1.69
N TRP A 73 -4.36 -34.81 -2.48
CA TRP A 73 -3.63 -33.56 -2.53
C TRP A 73 -4.22 -32.50 -1.63
N PHE A 74 -5.32 -32.78 -0.94
CA PHE A 74 -6.00 -31.68 -0.26
C PHE A 74 -5.16 -31.13 0.88
N ASP A 75 -4.67 -32.00 1.78
CA ASP A 75 -3.99 -31.54 2.99
C ASP A 75 -2.76 -30.71 2.67
N ASP A 76 -1.96 -31.15 1.68
CA ASP A 76 -0.75 -30.42 1.36
C ASP A 76 -1.05 -29.05 0.76
N LEU A 77 -2.03 -28.97 -0.14
CA LEU A 77 -2.39 -27.66 -0.67
C LEU A 77 -2.98 -26.78 0.42
N SER A 78 -3.75 -27.36 1.32
CA SER A 78 -4.31 -26.58 2.43
C SER A 78 -3.19 -26.02 3.30
N LYS A 79 -2.14 -26.81 3.57
CA LYS A 79 -1.02 -26.27 4.35
C LYS A 79 -0.39 -25.06 3.66
N LYS A 80 -0.31 -25.08 2.32
CA LYS A 80 0.26 -23.94 1.61
C LYS A 80 -0.62 -22.70 1.76
N LEU A 81 -1.93 -22.88 1.78
CA LEU A 81 -2.81 -21.76 2.08
C LEU A 81 -2.62 -21.26 3.50
N ASP A 82 -2.50 -22.20 4.46
CA ASP A 82 -2.22 -21.82 5.84
C ASP A 82 -0.95 -21.01 5.95
N SER A 83 0.08 -21.38 5.17
CA SER A 83 1.34 -20.64 5.20
C SER A 83 1.17 -19.22 4.64
N ALA A 84 0.41 -19.07 3.56
CA ALA A 84 0.12 -17.73 3.07
C ALA A 84 -0.65 -16.93 4.12
N LYS A 85 -1.62 -17.56 4.79
CA LYS A 85 -2.40 -16.86 5.82
C LYS A 85 -1.50 -16.43 6.97
N LEU A 86 -0.51 -17.24 7.30
CA LEU A 86 0.40 -16.92 8.39
C LEU A 86 1.17 -15.64 8.08
N VAL A 87 1.73 -15.55 6.87
CA VAL A 87 2.47 -14.37 6.47
C VAL A 87 1.57 -13.15 6.41
N ALA A 88 0.32 -13.33 5.94
CA ALA A 88 -0.64 -12.23 5.93
C ALA A 88 -0.86 -11.70 7.34
N LYS A 89 -0.98 -12.61 8.31
CA LYS A 89 -1.27 -12.16 9.68
C LYS A 89 -0.10 -11.41 10.28
N GLN A 90 1.14 -11.72 9.86
CA GLN A 90 2.29 -10.98 10.37
C GLN A 90 2.18 -9.52 10.01
N TRP A 91 1.70 -9.24 8.79
CA TRP A 91 1.51 -7.86 8.40
C TRP A 91 0.36 -7.24 9.15
N ILE A 92 -0.78 -7.93 9.22
CA ILE A 92 -1.98 -7.33 9.78
C ILE A 92 -1.76 -7.00 11.24
N ASP A 93 -1.06 -7.89 11.95
CA ASP A 93 -0.96 -7.86 13.40
C ASP A 93 0.24 -7.07 13.87
N ASP A 94 1.33 -7.09 13.11
CA ASP A 94 2.58 -6.47 13.54
C ASP A 94 3.08 -5.44 12.56
N LEU A 95 3.58 -5.85 11.38
CA LEU A 95 4.34 -4.92 10.55
C LEU A 95 3.46 -3.83 9.95
N GLY A 96 2.29 -4.21 9.41
CA GLY A 96 1.43 -3.28 8.73
C GLY A 96 1.13 -1.99 9.48
N PRO A 97 0.58 -2.08 10.69
CA PRO A 97 0.29 -0.85 11.46
C PRO A 97 1.51 0.01 11.71
N GLN A 98 2.69 -0.59 11.76
CA GLN A 98 3.91 0.15 12.02
C GLN A 98 4.44 0.86 10.77
N VAL A 99 4.44 0.16 9.63
CA VAL A 99 4.82 0.79 8.37
C VAL A 99 3.85 1.91 8.04
N SER A 100 2.55 1.63 8.11
CA SER A 100 1.56 2.61 7.71
C SER A 100 1.64 3.85 8.60
N ALA A 101 1.82 3.67 9.92
CA ALA A 101 1.89 4.82 10.83
C ALA A 101 3.18 5.62 10.64
N SER A 102 4.28 4.98 10.24
CA SER A 102 5.54 5.70 10.05
C SER A 102 5.46 6.77 8.98
N ILE A 103 4.51 6.69 8.05
CA ILE A 103 4.49 7.57 6.89
C ILE A 103 3.98 8.93 7.35
N PRO A 104 2.76 9.05 7.87
CA PRO A 104 2.37 10.36 8.42
C PRO A 104 3.20 10.80 9.64
N SER A 105 3.63 9.89 10.52
CA SER A 105 4.32 10.39 11.70
C SER A 105 5.67 11.00 11.33
N SER A 106 6.29 10.56 10.24
CA SER A 106 7.51 11.21 9.79
C SER A 106 7.28 12.70 9.50
N VAL A 107 6.13 13.04 8.91
CA VAL A 107 5.80 14.44 8.65
C VAL A 107 5.38 15.15 9.96
N ILE A 108 4.42 14.58 10.68
CA ILE A 108 3.94 15.19 11.92
C ILE A 108 5.08 15.48 12.87
N ASN A 109 6.00 14.53 13.04
CA ASN A 109 7.01 14.66 14.10
C ASN A 109 8.15 15.58 13.73
N PHE A 110 8.30 15.92 12.46
CA PHE A 110 9.28 16.90 12.00
C PHE A 110 8.80 18.33 12.17
N ASP A 111 7.49 18.54 12.32
CA ASP A 111 6.91 19.87 12.19
C ASP A 111 7.51 20.83 13.22
N ALA A 112 7.57 20.43 14.49
CA ALA A 112 7.92 21.39 15.53
C ALA A 112 9.30 21.98 15.30
N THR A 113 10.30 21.13 15.05
CA THR A 113 11.65 21.64 14.82
C THR A 113 11.73 22.38 13.51
N PHE A 114 11.04 21.89 12.47
CA PHE A 114 11.05 22.63 11.20
C PHE A 114 10.54 24.07 11.40
N GLN A 115 9.37 24.22 12.02
CA GLN A 115 8.82 25.57 12.19
C GLN A 115 9.77 26.44 13.00
N ALA A 116 10.24 25.92 14.14
CA ALA A 116 11.12 26.72 15.01
C ALA A 116 12.38 27.10 14.28
N SER A 117 12.82 26.27 13.35
CA SER A 117 14.06 26.53 12.64
C SER A 117 13.86 27.65 11.64
N ILE A 118 12.81 27.54 10.82
CA ILE A 118 12.52 28.56 9.81
C ILE A 118 12.21 29.89 10.47
N ASP A 119 11.43 29.87 11.56
CA ASP A 119 11.17 31.09 12.31
C ASP A 119 12.47 31.73 12.82
N ALA A 120 13.36 30.92 13.42
CA ALA A 120 14.64 31.43 13.87
C ALA A 120 15.43 32.09 12.74
N ILE A 121 15.44 31.48 11.55
CA ILE A 121 16.15 32.07 10.41
C ILE A 121 15.54 33.42 10.03
N HIS A 122 14.21 33.49 9.99
CA HIS A 122 13.54 34.76 9.71
C HIS A 122 13.91 35.82 10.75
N GLU A 123 13.97 35.43 11.99
CA GLU A 123 14.32 36.37 13.02
C GLU A 123 15.76 36.82 12.93
N LEU A 124 16.65 35.94 12.53
CA LEU A 124 18.03 36.28 12.34
C LEU A 124 18.20 37.31 11.23
N TYR A 125 17.51 37.07 10.15
CA TYR A 125 17.50 37.97 9.02
C TYR A 125 16.97 39.31 9.46
N LYS A 126 15.86 39.34 10.13
CA LYS A 126 15.29 40.61 10.56
C LYS A 126 16.28 41.41 11.41
N ALA A 127 17.04 40.72 12.27
CA ALA A 127 17.96 41.43 13.17
C ALA A 127 19.23 41.93 12.47
N ASP A 128 19.68 41.25 11.40
CA ASP A 128 20.97 41.53 10.73
C ASP A 128 20.81 41.24 9.23
N PRO A 129 19.98 41.99 8.52
CA PRO A 129 19.63 41.59 7.14
C PRO A 129 20.76 41.71 6.14
N THR A 130 21.82 42.47 6.46
CA THR A 130 23.00 42.53 5.59
C THR A 130 24.11 41.54 5.97
N ALA A 131 23.90 40.68 6.96
CA ALA A 131 24.96 39.80 7.42
C ALA A 131 25.47 38.91 6.28
N SER A 132 26.79 38.84 6.14
CA SER A 132 27.37 37.90 5.18
C SER A 132 28.75 37.51 5.66
N GLY A 133 29.29 36.42 5.13
CA GLY A 133 30.62 36.01 5.48
C GLY A 133 30.65 34.92 6.51
N LYS A 134 31.61 34.00 6.37
CA LYS A 134 31.65 32.85 7.24
C LYS A 134 31.98 33.22 8.68
N ASP A 135 32.62 34.36 8.91
CA ASP A 135 32.95 34.78 10.26
C ASP A 135 31.84 35.60 10.91
N ASN A 136 30.73 35.81 10.21
CA ASN A 136 29.62 36.56 10.76
C ASN A 136 28.77 35.67 11.68
N THR A 137 28.40 36.18 12.86
CA THR A 137 27.73 35.33 13.85
C THR A 137 26.32 34.97 13.42
N THR A 138 25.65 35.89 12.70
CA THR A 138 24.32 35.57 12.19
C THR A 138 24.38 34.45 11.18
N VAL A 139 25.30 34.55 10.22
CA VAL A 139 25.55 33.49 9.29
C VAL A 139 25.86 32.19 10.03
N GLN A 140 26.72 32.26 11.04
CA GLN A 140 27.10 31.04 11.75
C GLN A 140 25.89 30.38 12.40
N GLN A 141 25.04 31.16 13.06
CA GLN A 141 23.85 30.60 13.68
C GLN A 141 22.90 30.02 12.63
N ALA A 142 22.61 30.77 11.56
CA ALA A 142 21.78 30.22 10.49
C ALA A 142 22.34 28.89 10.00
N SER A 143 23.64 28.83 9.74
CA SER A 143 24.25 27.59 9.30
C SER A 143 24.03 26.47 10.31
N GLN A 144 24.18 26.76 11.60
CA GLN A 144 24.03 25.70 12.60
C GLN A 144 22.60 25.24 12.69
N ILE A 145 21.65 26.17 12.50
CA ILE A 145 20.23 25.81 12.52
C ILE A 145 19.94 24.86 11.36
N MET A 146 20.40 25.21 10.16
CA MET A 146 20.08 24.40 8.99
C MET A 146 20.84 23.08 9.00
N THR A 147 22.08 23.07 9.50
CA THR A 147 22.84 21.82 9.66
C THR A 147 22.10 20.85 10.57
N ALA A 148 21.60 21.34 11.71
CA ALA A 148 20.89 20.47 12.64
C ALA A 148 19.58 19.98 12.02
N LEU A 149 18.87 20.86 11.32
CA LEU A 149 17.64 20.47 10.64
C LEU A 149 17.94 19.41 9.56
N SER A 150 19.01 19.58 8.83
CA SER A 150 19.38 18.59 7.84
C SER A 150 19.72 17.25 8.48
N SER A 151 20.43 17.26 9.61
CA SER A 151 20.75 16.02 10.29
C SER A 151 19.47 15.32 10.75
N GLN A 152 18.48 16.10 11.16
CA GLN A 152 17.20 15.51 11.48
C GLN A 152 16.53 14.89 10.24
N VAL A 153 16.61 15.56 9.07
CA VAL A 153 16.04 14.99 7.84
C VAL A 153 16.73 13.69 7.49
N SER A 154 18.05 13.63 7.62
CA SER A 154 18.79 12.40 7.32
C SER A 154 18.30 11.25 8.18
N GLY A 155 18.02 11.52 9.46
CA GLY A 155 17.47 10.49 10.31
C GLY A 155 16.12 9.99 9.82
N ILE A 156 15.29 10.91 9.35
CA ILE A 156 13.99 10.54 8.81
C ILE A 156 14.16 9.71 7.54
N GLU A 157 15.07 10.12 6.66
CA GLU A 157 15.37 9.35 5.46
C GLU A 157 15.70 7.90 5.81
N ALA A 158 16.62 7.72 6.75
CA ALA A 158 17.00 6.39 7.20
C ALA A 158 15.81 5.62 7.77
N THR A 159 14.95 6.31 8.51
CA THR A 159 13.78 5.65 9.09
C THR A 159 12.88 5.10 7.99
N VAL A 160 12.55 5.91 6.98
CA VAL A 160 11.69 5.47 5.89
C VAL A 160 12.37 4.35 5.13
N LYS A 161 13.66 4.52 4.82
CA LYS A 161 14.39 3.46 4.12
C LYS A 161 14.32 2.15 4.90
N GLY A 162 14.46 2.23 6.23
CA GLY A 162 14.38 1.05 7.07
C GLY A 162 13.02 0.40 7.00
N MET A 163 11.97 1.22 7.00
CA MET A 163 10.61 0.70 6.83
C MET A 163 10.46 0.00 5.48
N ASN A 164 10.96 0.61 4.40
CA ASN A 164 10.83 -0.01 3.09
C ASN A 164 11.62 -1.30 3.05
N LYS A 165 12.72 -1.39 3.80
CA LYS A 165 13.45 -2.66 3.86
C LYS A 165 12.67 -3.72 4.63
N GLU A 166 11.95 -3.32 5.68
CA GLU A 166 11.14 -4.29 6.42
C GLU A 166 10.01 -4.81 5.56
N LEU A 167 9.36 -3.91 4.83
CA LEU A 167 8.38 -4.33 3.83
C LEU A 167 8.99 -5.28 2.83
N SER A 168 10.13 -4.90 2.25
CA SER A 168 10.80 -5.76 1.27
C SER A 168 11.01 -7.17 1.82
N ASP A 169 11.61 -7.27 3.00
CA ASP A 169 11.88 -8.57 3.60
C ASP A 169 10.60 -9.37 3.78
N TRP A 170 9.57 -8.73 4.32
CA TRP A 170 8.30 -9.42 4.51
C TRP A 170 7.75 -9.88 3.16
N GLY A 171 7.84 -9.01 2.15
CA GLY A 171 7.32 -9.35 0.83
C GLY A 171 8.01 -10.54 0.18
N VAL A 172 9.30 -10.73 0.46
CA VAL A 172 9.97 -11.98 0.01
C VAL A 172 9.27 -13.20 0.59
N LYS A 173 8.91 -13.15 1.87
CA LYS A 173 8.21 -14.27 2.50
C LYS A 173 6.83 -14.47 1.92
N MET A 174 6.10 -13.38 1.68
CA MET A 174 4.78 -13.50 1.06
C MET A 174 4.89 -14.03 -0.37
N GLN A 175 5.89 -13.56 -1.13
CA GLN A 175 6.07 -14.06 -2.48
C GLN A 175 6.32 -15.56 -2.48
N ALA A 176 7.18 -16.04 -1.55
CA ALA A 176 7.43 -17.47 -1.44
C ALA A 176 6.15 -18.25 -1.22
N ALA A 177 5.35 -17.81 -0.25
CA ALA A 177 4.10 -18.50 0.05
C ALA A 177 3.16 -18.47 -1.16
N HIS A 178 3.12 -17.33 -1.86
CA HIS A 178 2.27 -17.19 -3.03
C HIS A 178 2.73 -18.13 -4.13
N ASP A 179 4.04 -18.16 -4.40
CA ASP A 179 4.53 -19.02 -5.46
C ASP A 179 4.20 -20.48 -5.16
N ASP A 180 4.32 -20.87 -3.90
CA ASP A 180 4.11 -22.26 -3.51
C ASP A 180 2.65 -22.64 -3.69
N LEU A 181 1.73 -21.73 -3.36
CA LEU A 181 0.30 -21.93 -3.57
C LEU A 181 -0.03 -22.03 -5.05
N VAL A 182 0.49 -21.10 -5.85
CA VAL A 182 0.25 -21.13 -7.28
C VAL A 182 0.74 -22.44 -7.87
N ASN A 183 1.96 -22.84 -7.50
CA ASN A 183 2.57 -24.00 -8.12
C ASN A 183 1.86 -25.27 -7.67
N GLY A 184 1.48 -25.32 -6.39
CA GLY A 184 0.65 -26.39 -5.90
C GLY A 184 -0.64 -26.56 -6.69
N ALA A 185 -1.40 -25.47 -6.84
CA ALA A 185 -2.66 -25.56 -7.59
C ALA A 185 -2.39 -26.02 -9.01
N THR A 186 -1.33 -25.47 -9.62
CA THR A 186 -1.05 -25.76 -11.01
C THR A 186 -0.74 -27.23 -11.20
N ASN A 187 0.04 -27.80 -10.28
CA ASN A 187 0.40 -29.22 -10.41
C ASN A 187 -0.82 -30.12 -10.25
N ILE A 188 -1.71 -29.79 -9.31
CA ILE A 188 -2.92 -30.59 -9.14
C ILE A 188 -3.79 -30.50 -10.39
N GLN A 189 -3.95 -29.28 -10.90
CA GLN A 189 -4.79 -29.04 -12.07
C GLN A 189 -4.25 -29.77 -13.28
N LYS A 190 -2.95 -30.00 -13.33
CA LYS A 190 -2.41 -30.78 -14.43
C LYS A 190 -2.84 -32.23 -14.40
N THR A 191 -3.24 -32.77 -13.25
CA THR A 191 -3.38 -34.22 -13.14
C THR A 191 -4.76 -34.71 -13.52
N ILE A 192 -5.72 -33.81 -13.69
CA ILE A 192 -7.08 -34.18 -14.05
C ILE A 192 -7.25 -33.82 -15.53
N ILE A 193 -7.14 -34.82 -16.40
CA ILE A 193 -6.93 -34.57 -17.82
C ILE A 193 -8.19 -34.03 -18.48
N ASP A 194 -9.36 -34.35 -17.92
CA ASP A 194 -10.62 -33.96 -18.54
C ASP A 194 -10.95 -32.48 -18.36
N LEU A 195 -10.45 -31.85 -17.32
CA LEU A 195 -10.91 -30.52 -16.96
C LEU A 195 -10.09 -29.40 -17.57
N GLN A 196 -9.15 -29.72 -18.46
CA GLN A 196 -8.18 -28.70 -18.84
C GLN A 196 -8.86 -27.51 -19.51
N THR A 197 -9.93 -27.75 -20.29
CA THR A 197 -10.58 -26.64 -20.97
C THR A 197 -11.32 -25.74 -19.96
N ASP A 198 -11.95 -26.33 -18.95
CA ASP A 198 -12.65 -25.51 -17.96
C ASP A 198 -11.68 -24.74 -17.08
N ILE A 199 -10.53 -25.33 -16.79
CA ILE A 199 -9.52 -24.66 -15.98
C ILE A 199 -9.02 -23.41 -16.69
N GLU A 200 -8.82 -23.53 -18.00
CA GLU A 200 -8.37 -22.38 -18.78
C GLU A 200 -9.40 -21.26 -18.73
N SER A 201 -10.67 -21.61 -18.89
CA SER A 201 -11.74 -20.61 -18.83
C SER A 201 -11.77 -19.94 -17.46
N MET A 202 -11.76 -20.73 -16.40
CA MET A 202 -11.74 -20.16 -15.05
C MET A 202 -10.56 -19.21 -14.88
N ASN A 203 -9.38 -19.60 -15.34
CA ASN A 203 -8.19 -18.82 -15.06
C ASN A 203 -8.12 -17.57 -15.92
N ASN A 204 -8.78 -17.57 -17.08
CA ASN A 204 -8.99 -16.35 -17.86
C ASN A 204 -9.86 -15.36 -17.10
N ALA A 205 -10.99 -15.84 -16.60
CA ALA A 205 -11.88 -14.99 -15.82
C ALA A 205 -11.19 -14.50 -14.55
N ILE A 206 -10.43 -15.37 -13.89
CA ILE A 206 -9.70 -14.98 -12.69
C ILE A 206 -8.71 -13.87 -13.01
N ASP A 207 -7.94 -14.02 -14.10
CA ASP A 207 -6.98 -12.97 -14.47
C ASP A 207 -7.70 -11.65 -14.75
N ASN A 208 -8.81 -11.73 -15.46
CA ASN A 208 -9.61 -10.54 -15.73
C ASN A 208 -10.04 -9.88 -14.43
N ASN A 209 -10.56 -10.68 -13.49
CA ASN A 209 -11.04 -10.08 -12.24
C ASN A 209 -9.89 -9.49 -11.44
N ARG A 210 -8.79 -10.23 -11.32
CA ARG A 210 -7.61 -9.69 -10.62
C ARG A 210 -7.20 -8.34 -11.19
N ALA A 211 -7.11 -8.25 -12.52
CA ALA A 211 -6.67 -7.01 -13.14
C ALA A 211 -7.64 -5.88 -12.83
N ALA A 212 -8.93 -6.13 -13.00
CA ALA A 212 -9.92 -5.10 -12.72
C ALA A 212 -9.81 -4.62 -11.28
N ILE A 213 -9.75 -5.55 -10.32
CA ILE A 213 -9.69 -5.14 -8.91
C ILE A 213 -8.39 -4.39 -8.64
N GLU A 214 -7.28 -4.86 -9.21
CA GLU A 214 -6.00 -4.18 -9.07
C GLU A 214 -6.09 -2.72 -9.53
N LYS A 215 -6.76 -2.48 -10.66
CA LYS A 215 -6.92 -1.13 -11.17
C LYS A 215 -7.68 -0.25 -10.19
N LEU A 216 -8.71 -0.80 -9.54
CA LEU A 216 -9.46 -0.01 -8.57
C LEU A 216 -8.51 0.51 -7.52
N ASN A 217 -7.69 -0.39 -6.98
CA ASN A 217 -6.76 -0.06 -5.92
C ASN A 217 -5.67 0.88 -6.38
N LYS A 218 -5.05 0.58 -7.53
CA LYS A 218 -3.97 1.45 -8.00
C LYS A 218 -4.50 2.86 -8.27
N ASP A 219 -5.70 2.96 -8.85
CA ASP A 219 -6.32 4.26 -9.08
C ASP A 219 -6.42 5.08 -7.79
N LEU A 220 -6.74 4.42 -6.67
CA LEU A 220 -6.82 5.13 -5.39
C LEU A 220 -5.43 5.53 -4.92
N VAL A 221 -4.48 4.59 -4.99
CA VAL A 221 -3.14 4.87 -4.47
C VAL A 221 -2.59 6.13 -5.12
N TYR A 222 -2.82 6.28 -6.43
CA TYR A 222 -2.23 7.32 -7.26
C TYR A 222 -3.15 8.50 -7.45
N ALA A 223 -4.29 8.52 -6.77
CA ALA A 223 -5.19 9.65 -6.85
C ALA A 223 -4.48 10.92 -6.39
N GLN A 224 -4.83 12.04 -7.02
CA GLN A 224 -4.13 13.30 -6.78
C GLN A 224 -4.99 14.32 -6.06
N VAL A 225 -6.07 13.87 -5.43
CA VAL A 225 -6.84 14.73 -4.52
C VAL A 225 -6.86 14.07 -3.15
N ALA A 226 -7.16 14.87 -2.14
CA ALA A 226 -7.23 14.37 -0.78
C ALA A 226 -8.30 13.30 -0.67
N VAL A 227 -7.92 12.15 -0.12
CA VAL A 227 -8.87 11.06 0.03
C VAL A 227 -9.84 11.30 1.19
N GLY A 228 -9.46 12.11 2.16
CA GLY A 228 -10.30 12.34 3.30
C GLY A 228 -10.03 11.33 4.39
N VAL A 229 -10.91 11.34 5.39
CA VAL A 229 -10.78 10.45 6.54
C VAL A 229 -11.72 9.25 6.47
N GLY A 230 -12.71 9.26 5.56
CA GLY A 230 -13.65 8.15 5.45
C GLY A 230 -13.10 6.96 4.67
N ILE A 231 -11.88 6.56 4.98
CA ILE A 231 -11.24 5.49 4.23
C ILE A 231 -11.74 4.15 4.73
N PHE A 232 -11.93 3.20 3.82
CA PHE A 232 -12.48 1.92 4.20
C PHE A 232 -11.89 0.81 3.33
N MET A 233 -12.08 -0.41 3.79
CA MET A 233 -11.65 -1.63 3.10
C MET A 233 -12.86 -2.51 2.87
N LEU A 234 -13.06 -2.93 1.61
CA LEU A 234 -14.12 -3.88 1.25
C LEU A 234 -13.44 -5.22 0.96
N VAL A 235 -13.79 -6.25 1.71
CA VAL A 235 -13.11 -7.54 1.67
C VAL A 235 -14.18 -8.59 1.41
N ALA A 236 -14.02 -9.35 0.34
CA ALA A 236 -15.05 -10.33 0.01
C ALA A 236 -14.42 -11.69 -0.22
N GLY A 237 -15.12 -12.72 0.23
CA GLY A 237 -14.94 -14.01 -0.37
C GLY A 237 -15.77 -14.01 -1.63
N VAL A 238 -15.28 -14.70 -2.65
CA VAL A 238 -15.99 -14.85 -3.91
C VAL A 238 -16.19 -16.33 -4.15
N ALA A 239 -17.45 -16.77 -4.24
CA ALA A 239 -17.69 -18.17 -4.50
C ALA A 239 -17.21 -18.49 -5.90
N LEU A 240 -16.30 -19.45 -6.02
CA LEU A 240 -15.86 -19.92 -7.30
C LEU A 240 -16.47 -21.28 -7.65
N THR A 241 -17.33 -21.81 -6.78
CA THR A 241 -18.00 -23.10 -6.90
C THR A 241 -19.47 -22.89 -6.59
N VAL A 242 -20.30 -23.85 -6.95
CA VAL A 242 -21.68 -23.84 -6.49
C VAL A 242 -21.72 -23.97 -4.97
N ALA A 243 -21.04 -24.98 -4.45
CA ALA A 243 -20.86 -25.14 -3.01
C ALA A 243 -20.38 -23.86 -2.35
N THR A 244 -21.19 -23.33 -1.44
CA THR A 244 -20.90 -22.10 -0.74
C THR A 244 -19.85 -22.34 0.34
N ALA A 245 -19.23 -21.25 0.81
CA ALA A 245 -18.18 -21.37 1.83
C ALA A 245 -18.67 -22.24 2.98
N GLY A 246 -17.83 -23.20 3.37
CA GLY A 246 -18.15 -24.09 4.47
C GLY A 246 -18.76 -25.43 4.07
N THR A 247 -19.37 -25.53 2.90
CA THR A 247 -19.90 -26.82 2.49
C THR A 247 -18.85 -27.60 1.70
N ALA A 248 -19.12 -28.89 1.53
CA ALA A 248 -18.19 -29.79 0.86
C ALA A 248 -17.79 -29.27 -0.52
N ALA A 249 -16.49 -29.32 -0.80
CA ALA A 249 -15.87 -29.00 -2.08
C ALA A 249 -15.91 -27.50 -2.42
N ALA A 250 -16.27 -26.62 -1.49
CA ALA A 250 -16.38 -25.20 -1.82
C ALA A 250 -15.01 -24.57 -2.00
N VAL A 251 -14.95 -23.58 -2.88
CA VAL A 251 -13.79 -22.70 -3.02
C VAL A 251 -14.26 -21.26 -2.98
N SER A 252 -13.59 -20.46 -2.17
CA SER A 252 -13.90 -19.04 -2.00
C SER A 252 -12.60 -18.30 -2.24
N GLY A 253 -12.54 -17.53 -3.34
CA GLY A 253 -11.41 -16.68 -3.59
C GLY A 253 -11.62 -15.37 -2.86
N GLY A 254 -10.52 -14.71 -2.53
CA GLY A 254 -10.59 -13.45 -1.80
C GLY A 254 -10.31 -12.29 -2.75
N ILE A 255 -11.01 -11.18 -2.53
CA ILE A 255 -10.73 -9.93 -3.22
C ILE A 255 -10.89 -8.82 -2.19
N ALA A 256 -10.18 -7.71 -2.39
CA ALA A 256 -10.34 -6.55 -1.51
C ALA A 256 -10.06 -5.29 -2.32
N ALA A 257 -10.74 -4.21 -1.95
CA ALA A 257 -10.52 -2.92 -2.57
C ALA A 257 -10.63 -1.85 -1.49
N VAL A 258 -9.80 -0.85 -1.60
CA VAL A 258 -9.85 0.29 -0.70
C VAL A 258 -10.56 1.42 -1.41
N GLY A 259 -11.43 2.10 -0.69
CA GLY A 259 -12.03 3.33 -1.18
C GLY A 259 -12.14 4.39 -0.10
N ALA A 260 -12.85 5.48 -0.41
CA ALA A 260 -13.09 6.56 0.53
C ALA A 260 -14.24 7.41 0.01
N ALA A 261 -14.84 8.17 0.93
CA ALA A 261 -15.97 9.02 0.57
C ALA A 261 -15.48 10.29 -0.14
N GLY A 267 -14.87 5.44 -7.60
CA GLY A 267 -14.87 5.15 -6.18
C GLY A 267 -15.51 3.80 -5.88
N VAL A 268 -14.84 3.00 -5.04
CA VAL A 268 -15.25 1.62 -4.82
C VAL A 268 -16.57 1.57 -4.08
N THR A 269 -17.40 0.59 -4.41
CA THR A 269 -18.61 0.25 -3.66
C THR A 269 -18.86 -1.24 -3.78
N TRP A 270 -19.70 -1.75 -2.88
CA TRP A 270 -20.09 -3.16 -2.98
C TRP A 270 -20.79 -3.45 -4.30
N GLY A 271 -21.62 -2.51 -4.80
CA GLY A 271 -22.26 -2.72 -6.08
C GLY A 271 -21.24 -2.81 -7.22
N VAL A 272 -20.24 -1.94 -7.19
CA VAL A 272 -19.19 -2.03 -8.19
C VAL A 272 -18.50 -3.38 -8.14
N LEU A 273 -18.18 -3.86 -6.94
CA LEU A 273 -17.48 -5.13 -6.85
C LEU A 273 -18.34 -6.27 -7.40
N GLN A 274 -19.64 -6.25 -7.09
CA GLN A 274 -20.55 -7.26 -7.63
C GLN A 274 -20.62 -7.21 -9.15
N ASN A 275 -20.73 -6.02 -9.73
CA ASN A 275 -20.81 -5.95 -11.18
C ASN A 275 -19.54 -6.46 -11.83
N GLN A 276 -18.38 -6.25 -11.19
CA GLN A 276 -17.15 -6.80 -11.75
C GLN A 276 -17.15 -8.32 -11.67
N ILE A 277 -17.43 -8.86 -10.48
CA ILE A 277 -17.57 -10.31 -10.31
C ILE A 277 -18.55 -10.88 -11.32
N ASP A 278 -19.69 -10.20 -11.51
CA ASP A 278 -20.66 -10.63 -12.51
C ASP A 278 -20.04 -10.60 -13.90
N ASP A 279 -19.42 -9.47 -14.27
CA ASP A 279 -18.78 -9.35 -15.57
C ASP A 279 -17.82 -10.49 -15.84
N ASP A 280 -16.98 -10.83 -14.87
CA ASP A 280 -15.86 -11.74 -15.07
C ASP A 280 -16.22 -13.20 -14.87
N TYR A 281 -17.14 -13.48 -13.94
CA TYR A 281 -17.37 -14.85 -13.50
C TYR A 281 -18.73 -15.39 -13.91
N ASP A 282 -19.64 -14.52 -14.36
CA ASP A 282 -21.00 -14.95 -14.70
C ASP A 282 -20.96 -16.20 -15.57
N SER A 283 -20.14 -16.19 -16.62
CA SER A 283 -20.10 -17.34 -17.52
C SER A 283 -19.49 -18.57 -16.85
N ILE A 284 -18.52 -18.38 -15.96
CA ILE A 284 -17.88 -19.52 -15.29
C ILE A 284 -18.85 -20.15 -14.31
N ALA A 285 -19.64 -19.34 -13.62
CA ALA A 285 -20.67 -19.87 -12.73
C ALA A 285 -21.63 -20.79 -13.48
N GLN A 286 -22.00 -20.41 -14.71
CA GLN A 286 -22.84 -21.28 -15.51
C GLN A 286 -22.10 -22.57 -15.86
N GLU A 287 -20.85 -22.46 -16.31
CA GLU A 287 -20.11 -23.68 -16.70
C GLU A 287 -19.92 -24.60 -15.50
N GLN A 288 -19.67 -24.04 -14.32
CA GLN A 288 -19.37 -24.86 -13.14
C GLN A 288 -20.56 -25.74 -12.77
N LYS A 289 -21.78 -25.28 -13.05
CA LYS A 289 -22.96 -26.06 -12.75
C LYS A 289 -23.05 -27.33 -13.59
N GLN A 290 -22.27 -27.42 -14.67
CA GLN A 290 -22.28 -28.60 -15.52
C GLN A 290 -21.37 -29.72 -15.01
N LYS A 291 -20.63 -29.46 -13.94
CA LYS A 291 -19.53 -30.30 -13.51
C LYS A 291 -19.84 -30.85 -12.14
N ALA A 292 -19.25 -31.99 -11.81
CA ALA A 292 -19.43 -32.53 -10.48
C ALA A 292 -18.76 -31.62 -9.44
N GLU A 293 -19.26 -31.71 -8.20
CA GLU A 293 -18.74 -30.88 -7.11
C GLU A 293 -17.23 -30.98 -6.96
N ASP A 294 -16.70 -32.19 -6.98
CA ASP A 294 -15.26 -32.33 -6.79
C ASP A 294 -14.51 -31.74 -7.98
N GLN A 295 -15.11 -31.78 -9.16
CA GLN A 295 -14.52 -31.22 -10.36
C GLN A 295 -14.52 -29.70 -10.30
N GLN A 296 -15.63 -29.11 -9.89
CA GLN A 296 -15.68 -27.66 -9.77
C GLN A 296 -14.55 -27.17 -8.89
N GLN A 297 -14.30 -27.88 -7.78
CA GLN A 297 -13.24 -27.45 -6.87
C GLN A 297 -11.90 -27.43 -7.59
N ILE A 298 -11.56 -28.52 -8.28
CA ILE A 298 -10.28 -28.55 -8.97
C ILE A 298 -10.18 -27.40 -9.97
N ILE A 299 -11.27 -27.13 -10.70
CA ILE A 299 -11.28 -26.06 -11.70
C ILE A 299 -10.98 -24.72 -11.04
N ALA A 300 -11.39 -24.54 -9.80
CA ALA A 300 -11.27 -23.25 -9.11
C ALA A 300 -9.97 -23.05 -8.31
N LEU A 301 -9.04 -24.00 -8.31
CA LEU A 301 -7.97 -23.95 -7.32
C LEU A 301 -7.02 -22.75 -7.48
N GLN A 302 -6.90 -22.14 -8.67
CA GLN A 302 -6.06 -20.93 -8.74
C GLN A 302 -6.69 -19.80 -7.96
N GLY A 303 -7.98 -19.89 -7.69
CA GLY A 303 -8.63 -18.86 -6.89
C GLY A 303 -8.03 -18.73 -5.51
N LEU A 304 -7.46 -19.82 -4.98
CA LEU A 304 -6.85 -19.77 -3.67
C LEU A 304 -5.68 -18.80 -3.61
N SER A 305 -5.14 -18.41 -4.77
CA SER A 305 -4.05 -17.42 -4.81
C SER A 305 -4.46 -16.11 -5.48
N ASN A 306 -5.77 -15.84 -5.62
CA ASN A 306 -6.20 -14.53 -6.09
C ASN A 306 -5.73 -13.46 -5.11
N ALA A 307 -5.94 -13.70 -3.82
CA ALA A 307 -5.63 -12.72 -2.80
C ALA A 307 -4.14 -12.50 -2.73
N SER A 308 -3.36 -13.58 -2.75
CA SER A 308 -1.94 -13.43 -2.61
C SER A 308 -1.32 -12.79 -3.86
N SER A 309 -1.90 -13.02 -5.05
CA SER A 309 -1.38 -12.30 -6.21
C SER A 309 -1.63 -10.81 -6.05
N ALA A 310 -2.77 -10.46 -5.47
CA ALA A 310 -3.08 -9.07 -5.23
C ALA A 310 -2.15 -8.46 -4.19
N VAL A 311 -1.76 -9.22 -3.15
CA VAL A 311 -0.80 -8.71 -2.16
C VAL A 311 0.56 -8.50 -2.80
N VAL A 312 0.97 -9.41 -3.66
CA VAL A 312 2.24 -9.28 -4.36
C VAL A 312 2.27 -8.00 -5.20
N SER A 313 1.15 -7.70 -5.87
CA SER A 313 1.05 -6.48 -6.65
C SER A 313 1.11 -5.26 -5.75
N ALA A 314 0.43 -5.33 -4.62
CA ALA A 314 0.40 -4.21 -3.68
C ALA A 314 1.77 -3.99 -3.07
N ILE A 315 2.53 -5.07 -2.79
CA ILE A 315 3.92 -4.92 -2.32
C ILE A 315 4.73 -4.16 -3.37
N GLU A 316 4.57 -4.54 -4.64
CA GLU A 316 5.24 -3.85 -5.75
C GLU A 316 4.97 -2.36 -5.71
N THR A 317 3.70 -1.99 -5.62
CA THR A 317 3.30 -0.60 -5.66
C THR A 317 3.83 0.14 -4.44
N SER A 318 3.66 -0.46 -3.25
CA SER A 318 4.13 0.15 -2.02
C SER A 318 5.63 0.43 -2.05
N THR A 319 6.43 -0.52 -2.55
CA THR A 319 7.86 -0.33 -2.62
C THR A 319 8.20 0.89 -3.46
N SER A 320 7.48 1.06 -4.56
CA SER A 320 7.69 2.18 -5.47
C SER A 320 7.32 3.50 -4.82
N VAL A 321 6.10 3.60 -4.28
CA VAL A 321 5.68 4.89 -3.68
C VAL A 321 6.40 5.17 -2.35
N LEU A 322 6.90 4.14 -1.64
CA LEU A 322 7.74 4.39 -0.49
C LEU A 322 9.09 4.95 -0.90
N SER A 323 9.62 4.50 -2.02
CA SER A 323 10.79 5.16 -2.59
C SER A 323 10.49 6.62 -2.95
N ASP A 324 9.31 6.89 -3.51
CA ASP A 324 8.99 8.28 -3.84
C ASP A 324 8.97 9.11 -2.57
N PHE A 325 8.44 8.52 -1.50
CA PHE A 325 8.34 9.20 -0.20
C PHE A 325 9.71 9.45 0.39
N GLU A 326 10.58 8.43 0.38
CA GLU A 326 11.96 8.65 0.76
C GLU A 326 12.56 9.81 -0.04
N THR A 327 12.22 9.87 -1.33
CA THR A 327 12.81 10.90 -2.19
C THR A 327 12.34 12.28 -1.81
N THR A 328 11.08 12.42 -1.39
CA THR A 328 10.59 13.67 -0.82
C THR A 328 11.54 14.19 0.26
N TRP A 329 11.93 13.32 1.18
CA TRP A 329 12.81 13.74 2.27
C TRP A 329 14.21 14.02 1.76
N THR A 330 14.73 13.15 0.87
CA THR A 330 16.07 13.35 0.35
C THR A 330 16.18 14.69 -0.35
N VAL A 331 15.16 15.06 -1.12
CA VAL A 331 15.19 16.35 -1.84
C VAL A 331 15.27 17.47 -0.83
N PHE A 332 14.41 17.42 0.16
CA PHE A 332 14.38 18.46 1.17
C PHE A 332 15.71 18.54 1.89
N GLY A 333 16.23 17.40 2.34
CA GLY A 333 17.56 17.35 2.93
C GLY A 333 18.61 18.03 2.09
N ASN A 334 18.62 17.76 0.77
CA ASN A 334 19.66 18.36 -0.09
C ASN A 334 19.43 19.86 -0.26
N GLU A 335 18.17 20.31 -0.23
CA GLU A 335 17.91 21.74 -0.24
C GLU A 335 18.47 22.41 0.99
N LEU A 336 18.32 21.80 2.17
CA LEU A 336 18.89 22.41 3.36
C LEU A 336 20.39 22.41 3.29
N ASP A 337 20.96 21.32 2.78
CA ASP A 337 22.40 21.24 2.63
C ASP A 337 22.91 22.32 1.69
N ASP A 338 22.13 22.68 0.72
CA ASP A 338 22.54 23.69 -0.23
C ASP A 338 22.62 25.03 0.48
N VAL A 339 21.68 25.30 1.36
CA VAL A 339 21.73 26.54 2.12
C VAL A 339 22.99 26.57 2.98
N VAL A 340 23.32 25.44 3.61
CA VAL A 340 24.51 25.40 4.46
C VAL A 340 25.75 25.67 3.64
N THR A 341 25.88 24.98 2.50
CA THR A 341 27.02 25.20 1.62
C THR A 341 27.15 26.66 1.22
N LYS A 342 26.03 27.30 0.84
CA LYS A 342 26.09 28.69 0.40
C LYS A 342 26.59 29.61 1.50
N LEU A 343 26.05 29.47 2.70
CA LEU A 343 26.49 30.32 3.81
C LEU A 343 28.00 30.17 4.03
N ASN A 344 28.48 28.93 4.06
CA ASN A 344 29.90 28.69 4.30
C ASN A 344 30.78 29.24 3.18
N ASN A 345 30.26 29.43 1.97
CA ASN A 345 31.01 30.08 0.91
C ASN A 345 30.77 31.58 0.86
N GLY A 346 30.32 32.18 1.95
CA GLY A 346 30.20 33.62 2.01
C GLY A 346 28.88 34.22 1.55
N ALA A 347 27.83 33.42 1.38
CA ALA A 347 26.57 33.98 0.92
C ALA A 347 25.95 34.89 1.98
N SER A 348 25.30 35.96 1.52
CA SER A 348 24.56 36.86 2.40
C SER A 348 23.31 36.16 2.96
N MET A 349 22.83 36.64 4.10
CA MET A 349 21.52 36.18 4.58
C MET A 349 20.43 36.59 3.58
N GLN A 350 20.61 37.73 2.95
CA GLN A 350 19.68 38.18 1.92
C GLN A 350 19.50 37.12 0.84
N SER A 351 20.59 36.51 0.39
CA SER A 351 20.45 35.55 -0.68
C SER A 351 19.71 34.32 -0.16
N ILE A 352 19.87 34.00 1.12
CA ILE A 352 19.28 32.81 1.72
C ILE A 352 17.79 32.99 1.91
N ILE A 353 17.37 34.17 2.35
CA ILE A 353 15.97 34.41 2.65
C ILE A 353 15.09 34.36 1.41
N MET A 354 15.70 34.41 0.23
CA MET A 354 14.99 34.29 -1.03
C MET A 354 14.87 32.84 -1.53
N GLU A 355 15.59 31.90 -0.92
CA GLU A 355 15.55 30.50 -1.36
C GLU A 355 14.18 29.88 -1.13
N LYS A 356 13.90 28.82 -1.88
CA LYS A 356 12.61 28.13 -1.80
C LYS A 356 12.24 27.75 -0.37
N VAL A 357 13.16 27.12 0.35
CA VAL A 357 12.78 26.60 1.66
C VAL A 357 12.31 27.72 2.59
N MET A 358 12.91 28.92 2.46
CA MET A 358 12.51 30.07 3.25
C MET A 358 11.24 30.74 2.75
N SER A 359 10.67 30.30 1.64
CA SER A 359 9.59 31.09 1.05
C SER A 359 8.25 30.82 1.71
N ASP A 360 7.35 31.78 1.55
CA ASP A 360 5.97 31.66 2.01
C ASP A 360 5.27 30.46 1.39
N ALA A 361 5.51 30.21 0.10
CA ALA A 361 4.86 29.07 -0.56
C ALA A 361 5.25 27.76 0.10
N ALA A 362 6.54 27.59 0.39
CA ALA A 362 7.01 26.35 1.00
C ALA A 362 6.42 26.18 2.39
N LYS A 363 6.44 27.24 3.19
CA LYS A 363 5.75 27.20 4.47
C LYS A 363 4.30 26.72 4.34
N ASN A 364 3.56 27.27 3.37
CA ASN A 364 2.13 26.93 3.27
C ASN A 364 1.92 25.52 2.76
N GLU A 365 2.78 25.07 1.83
CA GLU A 365 2.73 23.68 1.38
C GLU A 365 3.06 22.74 2.53
N TRP A 366 4.12 23.03 3.29
CA TRP A 366 4.44 22.21 4.46
C TRP A 366 3.27 22.14 5.41
N ASP A 367 2.68 23.29 5.74
CA ASP A 367 1.59 23.31 6.70
C ASP A 367 0.44 22.46 6.19
N ASP A 368 0.21 22.47 4.88
CA ASP A 368 -0.86 21.66 4.31
C ASP A 368 -0.51 20.17 4.35
N ALA A 369 0.77 19.83 4.19
CA ALA A 369 1.24 18.45 4.31
C ALA A 369 1.06 17.92 5.72
N VAL A 370 1.44 18.72 6.72
CA VAL A 370 1.22 18.32 8.11
C VAL A 370 -0.26 18.04 8.37
N GLU A 371 -1.16 18.92 7.88
CA GLU A 371 -2.58 18.71 8.14
C GLU A 371 -3.06 17.40 7.49
N LEU A 372 -2.69 17.21 6.21
CA LEU A 372 -2.99 15.95 5.54
C LEU A 372 -2.50 14.77 6.38
N ALA A 373 -1.23 14.83 6.79
CA ALA A 373 -0.66 13.73 7.57
C ALA A 373 -1.39 13.52 8.89
N LYS A 374 -1.83 14.59 9.53
CA LYS A 374 -2.56 14.39 10.77
C LYS A 374 -3.87 13.66 10.50
N GLN A 375 -4.52 13.98 9.38
CA GLN A 375 -5.79 13.34 9.09
C GLN A 375 -5.59 11.85 8.83
N LEU A 376 -4.55 11.49 8.08
CA LEU A 376 -4.27 10.07 7.88
C LEU A 376 -3.95 9.38 9.20
N ALA A 377 -3.14 10.00 10.06
CA ALA A 377 -2.66 9.28 11.23
C ALA A 377 -3.79 8.92 12.17
N SER A 378 -4.85 9.72 12.18
CA SER A 378 -6.00 9.44 13.02
C SER A 378 -7.17 8.83 12.24
N ALA A 379 -7.06 8.66 10.92
CA ALA A 379 -8.14 8.04 10.17
C ALA A 379 -8.46 6.69 10.77
N LYS A 380 -9.75 6.42 10.93
CA LYS A 380 -10.22 5.14 11.42
C LYS A 380 -10.75 4.39 10.21
N ILE A 381 -10.00 3.41 9.75
CA ILE A 381 -10.29 2.75 8.48
C ILE A 381 -11.24 1.60 8.72
N ALA A 382 -12.43 1.71 8.16
CA ALA A 382 -13.44 0.68 8.31
C ALA A 382 -13.10 -0.53 7.47
N ILE A 383 -13.42 -1.71 8.00
CA ILE A 383 -13.32 -2.97 7.27
C ILE A 383 -14.73 -3.55 7.22
N GLU A 384 -15.21 -3.79 6.01
CA GLU A 384 -16.49 -4.44 5.79
C GLU A 384 -16.22 -5.75 5.05
N THR A 385 -16.74 -6.85 5.57
CA THR A 385 -16.47 -8.17 5.00
C THR A 385 -17.77 -8.87 4.63
N LYS A 386 -17.81 -9.43 3.42
CA LYS A 386 -18.99 -10.08 2.87
C LYS A 386 -18.55 -11.31 2.07
N GLU A 387 -19.50 -12.21 1.80
CA GLU A 387 -19.31 -13.30 0.86
C GLU A 387 -20.15 -13.06 -0.38
N LEU A 388 -19.49 -12.92 -1.52
CA LEU A 388 -20.14 -12.60 -2.78
C LEU A 388 -20.12 -13.82 -3.70
N ALA A 389 -21.10 -13.88 -4.60
CA ALA A 389 -21.14 -14.89 -5.66
C ALA A 389 -21.57 -14.24 -6.95
N PRO A 390 -21.09 -14.73 -8.10
CA PRO A 390 -21.59 -14.23 -9.38
C PRO A 390 -23.06 -14.54 -9.60
N ALA A 391 -23.62 -13.85 -10.59
CA ALA A 391 -25.02 -13.99 -10.97
C ALA A 391 -25.30 -15.37 -11.54
N VAL A 392 -26.58 -15.74 -11.53
CA VAL A 392 -27.04 -17.02 -12.09
C VAL A 392 -28.03 -16.75 -13.22
C1 GOL B . -5.59 22.98 1.84
O1 GOL B . -5.74 23.25 0.46
C2 GOL B . -6.12 21.58 2.12
O2 GOL B . -6.94 21.19 1.04
C3 GOL B . -6.91 21.56 3.42
O3 GOL B . -7.29 20.24 3.73
H11 GOL B . -4.53 23.03 2.11
H12 GOL B . -6.14 23.71 2.43
HO1 GOL B . -5.46 24.17 0.29
H2 GOL B . -5.29 20.89 2.21
HO2 GOL B . -7.28 20.29 1.20
H31 GOL B . -7.81 22.18 3.33
H32 GOL B . -6.30 21.97 4.23
HO3 GOL B . -6.50 19.75 4.04
C1 GOL C . 26.71 30.20 18.69
O1 GOL C . 27.21 29.27 19.65
C2 GOL C . 27.85 30.88 17.98
O2 GOL C . 28.37 29.98 17.02
C3 GOL C . 27.29 32.11 17.29
O3 GOL C . 28.23 32.65 16.40
H11 GOL C . 26.07 29.67 17.97
H12 GOL C . 26.09 30.95 19.20
HO1 GOL C . 26.47 28.88 20.14
H2 GOL C . 28.62 31.17 18.69
HO2 GOL C . 27.67 29.71 16.40
H31 GOL C . 26.38 31.86 16.75
H32 GOL C . 27.03 32.86 18.04
HO3 GOL C . 28.23 32.13 15.58
C ACT D . -3.84 -18.17 -13.81
O ACT D . -3.60 -17.42 -14.78
OXT ACT D . -4.64 -17.76 -12.92
CH3 ACT D . -3.18 -19.52 -13.71
H1 ACT D . -2.53 -19.66 -14.57
H2 ACT D . -3.94 -20.30 -13.69
H3 ACT D . -2.59 -19.56 -12.80
C ACT E . -6.18 12.66 3.24
O ACT E . -5.23 11.98 2.80
OXT ACT E . -6.78 13.37 2.41
CH3 ACT E . -6.55 12.62 4.69
H1 ACT E . -7.40 13.29 4.86
H2 ACT E . -5.71 12.94 5.29
H3 ACT E . -6.84 11.60 4.96
AS CAC F . 9.12 18.78 2.80
O1 CAC F . 7.39 18.93 2.59
O2 CAC F . 9.93 18.98 1.27
C1 CAC F . 9.69 20.19 4.05
C2 CAC F . 9.62 17.03 3.52
#